data_5VX5
#
_entry.id   5VX5
#
_cell.length_a   33.790
_cell.length_b   50.240
_cell.length_c   110.820
_cell.angle_alpha   90.00
_cell.angle_beta   90.00
_cell.angle_gamma   90.00
#
_symmetry.space_group_name_H-M   'P 21 21 21'
#
loop_
_entity.id
_entity.type
_entity.pdbx_description
1 polymer 'Outer capsid protein VP4'
2 branched alpha-L-fucopyranose-(1-2)-beta-D-galactopyranose-(1-3)-2-acetamido-2-deoxy-beta-D-glucopyranose-(1-3)-beta-D-galactopyranose-(1-4)-beta-D-glucopyranose
3 water water
#
_entity_poly.entity_id   1
_entity_poly.type   'polypeptide(L)'
_entity_poly.pdbx_seq_one_letter_code
;GSILDGPYQPTTFKPPNDYWLLISSNTDGVVYESTNNSDFWTAVIAVEPHVSQTNRQYVLFGENKQFNVENSSDKWKFFE
MFKGSSQSDFSNRRTLTSNNRLVGMLKYGGRVWTFHGETPRATTDSSNTADLNNISIIIHSEFYIIPRSQESKCNEYINN
GL
;
_entity_poly.pdbx_strand_id   A
#
# COMPACT_ATOMS: atom_id res chain seq x y z
N SER A 2 13.57 11.73 15.76
CA SER A 2 12.43 12.39 15.13
C SER A 2 11.26 11.42 14.96
N ILE A 3 10.06 11.96 15.11
CA ILE A 3 8.82 11.23 14.90
C ILE A 3 8.79 10.60 13.51
N LEU A 4 9.20 11.39 12.51
CA LEU A 4 9.37 10.92 11.15
C LEU A 4 10.76 10.34 10.97
N ASP A 5 10.87 9.01 11.00
CA ASP A 5 12.14 8.32 10.86
C ASP A 5 12.33 7.88 9.41
N GLY A 6 13.31 8.46 8.72
CA GLY A 6 13.58 8.10 7.35
C GLY A 6 14.00 9.29 6.51
N PRO A 7 14.09 9.11 5.19
CA PRO A 7 13.65 7.92 4.47
C PRO A 7 14.64 6.75 4.47
N TYR A 8 14.08 5.54 4.52
CA TYR A 8 14.81 4.30 4.34
C TYR A 8 14.80 3.88 2.88
N GLN A 9 15.87 3.20 2.45
CA GLN A 9 15.94 2.69 1.09
C GLN A 9 14.99 1.51 0.92
N PRO A 10 14.60 1.20 -0.34
CA PRO A 10 13.80 0.00 -0.62
C PRO A 10 14.40 -1.23 0.05
N THR A 11 13.55 -2.08 0.61
CA THR A 11 14.03 -3.19 1.41
C THR A 11 12.91 -4.22 1.56
N THR A 12 13.27 -5.35 2.14
CA THR A 12 12.31 -6.38 2.57
C THR A 12 12.43 -6.61 4.07
N PHE A 13 11.32 -6.61 4.80
CA PHE A 13 11.35 -6.95 6.22
C PHE A 13 9.96 -7.20 6.77
N LYS A 14 9.89 -7.81 7.97
CA LYS A 14 8.65 -7.90 8.73
C LYS A 14 8.62 -6.66 9.62
N PRO A 15 7.75 -5.71 9.31
CA PRO A 15 7.73 -4.49 10.11
C PRO A 15 7.33 -4.77 11.55
N PRO A 16 7.89 -4.00 12.49
CA PRO A 16 7.46 -4.14 13.88
C PRO A 16 6.01 -3.69 14.02
N ASN A 17 5.28 -4.28 14.96
CA ASN A 17 3.95 -3.80 15.25
C ASN A 17 4.02 -2.40 15.84
N ASP A 18 2.94 -1.64 15.71
CA ASP A 18 2.77 -0.37 16.42
C ASP A 18 3.54 0.78 15.75
N TYR A 19 3.96 0.60 14.50
CA TYR A 19 4.57 1.66 13.70
C TYR A 19 3.91 1.74 12.34
N TRP A 20 3.57 2.95 11.93
CA TRP A 20 3.17 3.20 10.53
C TRP A 20 4.39 3.20 9.62
N LEU A 21 4.28 2.51 8.48
CA LEU A 21 5.18 2.71 7.36
C LEU A 21 4.52 3.69 6.43
N LEU A 22 5.25 4.75 6.12
CA LEU A 22 4.78 5.79 5.22
C LEU A 22 5.64 5.66 3.96
N ILE A 23 5.07 5.10 2.91
CA ILE A 23 5.83 4.69 1.75
C ILE A 23 5.65 5.70 0.62
N SER A 24 6.76 6.22 0.13
CA SER A 24 6.77 7.29 -0.87
C SER A 24 6.96 6.75 -2.27
N SER A 25 5.88 6.67 -3.03
CA SER A 25 5.92 6.08 -4.36
C SER A 25 6.49 7.05 -5.38
N ASN A 26 7.48 6.59 -6.16
CA ASN A 26 8.22 7.44 -7.06
C ASN A 26 8.00 7.12 -8.55
N THR A 27 7.18 6.12 -8.83
CA THR A 27 6.88 5.75 -10.21
C THR A 27 5.64 4.87 -10.27
N ASP A 28 5.11 4.66 -11.46
CA ASP A 28 4.01 3.71 -11.64
C ASP A 28 4.52 2.28 -11.51
N GLY A 29 3.65 1.38 -11.05
CA GLY A 29 4.02 -0.01 -10.88
C GLY A 29 3.77 -0.49 -9.47
N VAL A 30 4.40 -1.60 -9.11
CA VAL A 30 4.19 -2.20 -7.80
C VAL A 30 4.94 -1.38 -6.74
N VAL A 31 4.19 -0.86 -5.78
CA VAL A 31 4.77 -0.05 -4.70
C VAL A 31 5.32 -0.96 -3.61
N TYR A 32 4.54 -1.97 -3.22
CA TYR A 32 4.98 -2.94 -2.25
C TYR A 32 4.17 -4.22 -2.39
N GLU A 33 4.72 -5.28 -1.83
CA GLU A 33 4.10 -6.60 -1.78
C GLU A 33 4.19 -7.10 -0.35
N SER A 34 3.05 -7.29 0.31
CA SER A 34 3.04 -7.70 1.71
C SER A 34 2.27 -8.99 1.92
N THR A 35 2.85 -9.96 2.63
CA THR A 35 2.13 -11.19 2.92
C THR A 35 2.73 -11.90 4.12
N ASN A 36 1.91 -12.72 4.77
CA ASN A 36 2.39 -13.71 5.74
C ASN A 36 2.33 -15.13 5.18
N ASN A 37 1.95 -15.26 3.91
CA ASN A 37 1.78 -16.54 3.26
C ASN A 37 0.77 -17.45 3.96
N SER A 38 -0.14 -16.85 4.71
CA SER A 38 -1.19 -17.65 5.38
C SER A 38 -2.57 -17.07 5.09
N ASP A 39 -2.90 -15.90 5.63
CA ASP A 39 -4.23 -15.37 5.48
C ASP A 39 -4.28 -13.92 4.97
N PHE A 40 -3.13 -13.39 4.56
CA PHE A 40 -3.05 -11.98 4.16
C PHE A 40 -2.05 -11.77 3.02
N TRP A 41 -2.53 -11.20 1.92
CA TRP A 41 -1.70 -10.72 0.83
C TRP A 41 -2.21 -9.37 0.39
N THR A 42 -1.37 -8.35 0.36
CA THR A 42 -1.73 -7.10 -0.29
C THR A 42 -0.56 -6.59 -1.09
N ALA A 43 -0.77 -6.31 -2.36
CA ALA A 43 0.18 -5.57 -3.16
C ALA A 43 -0.48 -4.27 -3.58
N VAL A 44 0.27 -3.17 -3.56
CA VAL A 44 -0.26 -1.90 -4.00
C VAL A 44 0.33 -1.53 -5.35
N ILE A 45 -0.55 -1.20 -6.29
CA ILE A 45 -0.14 -0.82 -7.62
C ILE A 45 -0.43 0.67 -7.84
N ALA A 46 0.59 1.39 -8.28
CA ALA A 46 0.49 2.82 -8.57
C ALA A 46 0.20 3.04 -10.05
N VAL A 47 -0.81 3.86 -10.31
CA VAL A 47 -1.16 4.26 -11.67
C VAL A 47 -1.21 5.78 -11.74
N GLU A 48 -0.46 6.31 -12.70
CA GLU A 48 -0.27 7.75 -12.84
C GLU A 48 -1.56 8.42 -13.32
N PRO A 49 -1.65 9.75 -13.19
CA PRO A 49 -2.86 10.46 -13.63
C PRO A 49 -3.15 10.29 -15.12
N HIS A 50 -4.43 10.37 -15.45
CA HIS A 50 -4.90 10.45 -16.83
C HIS A 50 -4.43 9.26 -17.67
N VAL A 51 -4.68 8.07 -17.16
CA VAL A 51 -4.38 6.84 -17.88
C VAL A 51 -5.67 6.22 -18.39
N SER A 52 -5.77 6.12 -19.72
N SER A 52 -5.80 6.13 -19.71
CA SER A 52 -6.86 5.40 -20.35
CA SER A 52 -6.96 5.44 -20.27
C SER A 52 -6.70 3.92 -20.07
C SER A 52 -6.71 3.94 -20.14
N GLN A 53 -7.79 3.17 -20.16
CA GLN A 53 -7.74 1.74 -19.89
C GLN A 53 -6.62 1.05 -20.64
N THR A 54 -5.78 0.33 -19.90
CA THR A 54 -4.61 -0.29 -20.49
C THR A 54 -4.24 -1.56 -19.73
N ASN A 55 -3.80 -2.57 -20.47
CA ASN A 55 -3.33 -3.82 -19.89
C ASN A 55 -1.89 -3.65 -19.43
N ARG A 56 -1.66 -3.77 -18.13
CA ARG A 56 -0.32 -3.73 -17.56
C ARG A 56 -0.07 -5.02 -16.80
N GLN A 57 1.17 -5.50 -16.89
CA GLN A 57 1.56 -6.74 -16.25
C GLN A 57 2.46 -6.48 -15.06
N TYR A 58 2.19 -7.17 -13.97
CA TYR A 58 2.90 -6.93 -12.73
C TYR A 58 3.35 -8.27 -12.16
N VAL A 59 4.46 -8.27 -11.44
CA VAL A 59 4.86 -9.43 -10.68
C VAL A 59 4.37 -9.26 -9.26
N LEU A 60 3.45 -10.12 -8.84
CA LEU A 60 2.92 -10.08 -7.50
C LEU A 60 3.30 -11.37 -6.81
N PHE A 61 4.16 -11.28 -5.80
CA PHE A 61 4.57 -12.46 -5.05
C PHE A 61 5.07 -13.55 -5.98
N GLY A 62 5.87 -13.15 -6.96
CA GLY A 62 6.53 -14.11 -7.84
C GLY A 62 5.70 -14.57 -9.03
N GLU A 63 4.47 -14.08 -9.15
CA GLU A 63 3.59 -14.51 -10.24
C GLU A 63 3.23 -13.34 -11.15
N ASN A 64 3.19 -13.58 -12.45
CA ASN A 64 2.81 -12.56 -13.40
C ASN A 64 1.31 -12.40 -13.47
N LYS A 65 0.83 -11.17 -13.29
N LYS A 65 0.82 -11.17 -13.28
CA LYS A 65 -0.59 -10.87 -13.34
CA LYS A 65 -0.61 -10.86 -13.32
C LYS A 65 -0.80 -9.70 -14.30
C LYS A 65 -0.89 -9.66 -14.20
N GLN A 66 -1.83 -9.80 -15.14
CA GLN A 66 -2.24 -8.67 -15.96
C GLN A 66 -3.53 -8.07 -15.44
N PHE A 67 -3.56 -6.75 -15.35
CA PHE A 67 -4.78 -6.03 -15.01
C PHE A 67 -5.03 -4.93 -16.01
N ASN A 68 -6.30 -4.74 -16.38
CA ASN A 68 -6.71 -3.56 -17.11
C ASN A 68 -6.85 -2.43 -16.11
N VAL A 69 -5.93 -1.46 -16.16
CA VAL A 69 -5.94 -0.36 -15.21
C VAL A 69 -6.35 0.91 -15.90
N GLU A 70 -6.81 1.86 -15.10
CA GLU A 70 -7.27 3.13 -15.61
C GLU A 70 -7.22 4.13 -14.48
N ASN A 71 -7.02 5.39 -14.85
CA ASN A 71 -7.05 6.47 -13.88
C ASN A 71 -7.47 7.72 -14.61
N SER A 72 -8.74 8.10 -14.46
CA SER A 72 -9.24 9.29 -15.15
C SER A 72 -9.05 10.57 -14.34
N SER A 73 -8.46 10.47 -13.15
N SER A 73 -8.46 10.43 -13.14
CA SER A 73 -8.31 11.66 -12.33
CA SER A 73 -8.21 11.55 -12.23
C SER A 73 -6.98 12.33 -12.59
C SER A 73 -6.92 12.29 -12.54
N ASP A 74 -6.78 13.49 -11.98
CA ASP A 74 -5.53 14.22 -12.09
C ASP A 74 -4.61 13.87 -10.92
N LYS A 75 -5.09 12.99 -10.06
CA LYS A 75 -4.29 12.47 -8.94
C LYS A 75 -3.80 11.06 -9.25
N TRP A 76 -2.68 10.67 -8.65
CA TRP A 76 -2.23 9.30 -8.66
C TRP A 76 -3.23 8.39 -7.95
N LYS A 77 -3.33 7.15 -8.41
CA LYS A 77 -4.13 6.16 -7.71
C LYS A 77 -3.27 4.99 -7.29
N PHE A 78 -3.55 4.50 -6.08
CA PHE A 78 -2.83 3.40 -5.48
C PHE A 78 -3.84 2.33 -5.14
N PHE A 79 -3.81 1.26 -5.91
CA PHE A 79 -4.81 0.20 -5.81
C PHE A 79 -4.28 -0.91 -4.90
N GLU A 80 -4.99 -1.19 -3.81
CA GLU A 80 -4.68 -2.38 -3.03
C GLU A 80 -5.25 -3.61 -3.69
N MET A 81 -4.38 -4.54 -4.06
N MET A 81 -4.39 -4.55 -4.03
CA MET A 81 -4.80 -5.85 -4.57
CA MET A 81 -4.81 -5.83 -4.56
C MET A 81 -4.65 -6.88 -3.46
C MET A 81 -4.66 -6.85 -3.45
N PHE A 82 -5.79 -7.40 -3.00
CA PHE A 82 -5.84 -8.28 -1.84
C PHE A 82 -6.22 -9.70 -2.20
N LYS A 83 -5.62 -10.66 -1.52
CA LYS A 83 -6.22 -12.00 -1.47
C LYS A 83 -5.97 -12.56 -0.07
N GLY A 84 -6.87 -13.43 0.38
CA GLY A 84 -6.85 -13.89 1.75
C GLY A 84 -6.37 -15.31 1.94
N SER A 85 -5.98 -15.96 0.85
CA SER A 85 -5.48 -17.33 0.90
C SER A 85 -4.59 -17.52 -0.31
N SER A 86 -3.76 -18.56 -0.29
CA SER A 86 -2.85 -18.75 -1.40
C SER A 86 -3.58 -19.08 -2.70
N GLN A 87 -4.66 -19.85 -2.56
N GLN A 87 -4.73 -19.72 -2.65
CA GLN A 87 -5.54 -20.26 -3.65
CA GLN A 87 -5.36 -20.08 -3.91
C GLN A 87 -6.79 -19.39 -3.67
C GLN A 87 -6.38 -19.05 -4.45
N SER A 88 -6.63 -18.21 -4.24
N SER A 88 -6.73 -18.03 -3.67
CA SER A 88 -7.71 -17.26 -4.41
CA SER A 88 -7.71 -17.03 -4.11
C SER A 88 -7.22 -16.20 -5.37
C SER A 88 -7.24 -16.18 -5.30
N ASP A 89 -8.17 -15.48 -5.93
CA ASP A 89 -7.86 -14.45 -6.93
C ASP A 89 -7.74 -13.10 -6.24
N PHE A 90 -6.86 -12.25 -6.76
CA PHE A 90 -6.75 -10.89 -6.23
C PHE A 90 -8.00 -10.07 -6.52
N SER A 91 -8.31 -9.18 -5.59
CA SER A 91 -9.39 -8.22 -5.77
C SER A 91 -8.89 -6.83 -5.42
N ASN A 92 -9.36 -5.82 -6.13
CA ASN A 92 -9.04 -4.45 -5.75
C ASN A 92 -9.89 -4.06 -4.55
N ARG A 93 -9.34 -4.25 -3.36
CA ARG A 93 -10.10 -4.11 -2.14
C ARG A 93 -10.27 -2.66 -1.68
N ARG A 94 -9.23 -1.84 -1.88
CA ARG A 94 -9.22 -0.43 -1.49
C ARG A 94 -8.41 0.36 -2.49
N THR A 95 -8.67 1.66 -2.54
CA THR A 95 -7.92 2.56 -3.40
C THR A 95 -7.65 3.86 -2.65
N LEU A 96 -6.44 4.37 -2.79
CA LEU A 96 -6.08 5.69 -2.32
C LEU A 96 -5.82 6.56 -3.54
N THR A 97 -6.52 7.69 -3.61
CA THR A 97 -6.37 8.65 -4.69
C THR A 97 -5.67 9.88 -4.10
N SER A 98 -4.46 10.16 -4.57
CA SER A 98 -3.59 11.10 -3.87
C SER A 98 -2.53 11.70 -4.77
N ASN A 99 -2.42 13.02 -4.65
N ASN A 99 -2.32 13.01 -4.74
CA ASN A 99 -1.38 13.83 -5.27
CA ASN A 99 -1.15 13.51 -5.46
C ASN A 99 -0.08 13.82 -4.46
C ASN A 99 0.04 13.69 -4.50
N ASN A 100 -0.15 13.32 -3.24
CA ASN A 100 0.99 13.29 -2.33
C ASN A 100 1.86 12.05 -2.50
N ARG A 101 1.30 11.03 -3.14
CA ARG A 101 2.00 9.81 -3.54
C ARG A 101 2.62 9.09 -2.35
N LEU A 102 1.92 9.13 -1.22
CA LEU A 102 2.29 8.37 -0.04
C LEU A 102 1.20 7.39 0.33
N VAL A 103 1.59 6.15 0.63
CA VAL A 103 0.63 5.19 1.16
C VAL A 103 1.10 4.80 2.56
N GLY A 104 0.20 4.26 3.36
CA GLY A 104 0.54 3.90 4.73
C GLY A 104 0.15 2.49 5.07
N MET A 105 0.99 1.79 5.83
N MET A 105 0.97 1.85 5.90
CA MET A 105 0.61 0.49 6.36
CA MET A 105 0.71 0.49 6.34
C MET A 105 1.11 0.33 7.78
C MET A 105 1.13 0.33 7.81
N LEU A 106 0.19 -0.11 8.64
CA LEU A 106 0.46 -0.34 10.06
C LEU A 106 0.03 -1.75 10.46
N LYS A 107 0.90 -2.47 11.15
CA LYS A 107 0.54 -3.73 11.81
C LYS A 107 0.21 -3.43 13.27
N TYR A 108 -1.03 -3.67 13.69
CA TYR A 108 -1.39 -3.37 15.08
C TYR A 108 -2.62 -4.12 15.53
N GLY A 109 -2.54 -4.75 16.69
CA GLY A 109 -3.71 -5.33 17.33
C GLY A 109 -4.46 -6.32 16.47
N GLY A 110 -3.72 -7.23 15.85
CA GLY A 110 -4.32 -8.31 15.07
C GLY A 110 -4.85 -7.86 13.74
N ARG A 111 -4.47 -6.67 13.29
CA ARG A 111 -4.97 -6.11 12.05
C ARG A 111 -3.88 -5.41 11.26
N VAL A 112 -4.08 -5.31 9.95
CA VAL A 112 -3.28 -4.44 9.11
C VAL A 112 -4.13 -3.22 8.78
N TRP A 113 -3.57 -2.03 9.03
CA TRP A 113 -4.25 -0.77 8.77
C TRP A 113 -3.61 -0.08 7.59
N THR A 114 -4.43 0.49 6.71
CA THR A 114 -3.94 1.30 5.60
C THR A 114 -4.81 2.55 5.46
N PHE A 115 -4.39 3.48 4.61
CA PHE A 115 -5.18 4.67 4.29
C PHE A 115 -5.86 4.51 2.94
N HIS A 116 -7.13 4.90 2.86
CA HIS A 116 -7.83 4.83 1.59
C HIS A 116 -8.78 6.01 1.46
N GLY A 117 -9.34 6.17 0.27
CA GLY A 117 -10.15 7.32 -0.04
C GLY A 117 -9.38 8.32 -0.85
N GLU A 118 -9.79 9.58 -0.79
CA GLU A 118 -9.17 10.60 -1.61
C GLU A 118 -8.64 11.71 -0.72
N THR A 119 -7.37 12.04 -0.91
CA THR A 119 -6.76 13.10 -0.14
C THR A 119 -7.46 14.43 -0.48
N PRO A 120 -7.53 15.37 0.49
CA PRO A 120 -6.98 15.33 1.84
C PRO A 120 -7.94 14.73 2.88
N ARG A 121 -8.85 13.87 2.44
CA ARG A 121 -9.83 13.26 3.34
C ARG A 121 -9.67 11.74 3.44
N ALA A 122 -8.47 11.25 3.19
CA ALA A 122 -8.24 9.81 3.32
C ALA A 122 -8.35 9.38 4.78
N THR A 123 -8.89 8.18 4.98
CA THR A 123 -9.10 7.64 6.32
C THR A 123 -8.42 6.29 6.43
N THR A 124 -8.38 5.74 7.65
CA THR A 124 -7.78 4.44 7.86
C THR A 124 -8.83 3.34 7.86
N ASP A 125 -8.40 2.15 7.47
CA ASP A 125 -9.28 0.99 7.44
C ASP A 125 -8.44 -0.24 7.72
N SER A 126 -9.06 -1.30 8.24
CA SER A 126 -8.32 -2.45 8.71
C SER A 126 -8.71 -3.75 8.04
N SER A 127 -7.77 -4.69 8.06
CA SER A 127 -8.00 -6.08 7.64
C SER A 127 -7.58 -6.98 8.78
N ASN A 128 -8.40 -7.97 9.11
CA ASN A 128 -8.06 -8.89 10.18
C ASN A 128 -7.05 -9.93 9.75
N THR A 129 -6.20 -10.36 10.68
CA THR A 129 -5.33 -11.49 10.43
C THR A 129 -5.13 -12.24 11.73
N ALA A 130 -5.01 -13.56 11.65
CA ALA A 130 -4.63 -14.37 12.81
C ALA A 130 -3.12 -14.56 12.91
N ASP A 131 -2.38 -13.94 12.00
CA ASP A 131 -0.96 -14.21 11.81
C ASP A 131 -0.25 -12.89 11.50
N LEU A 132 -0.48 -11.89 12.34
CA LEU A 132 0.01 -10.55 12.09
C LEU A 132 1.52 -10.44 12.07
N ASN A 133 2.17 -10.98 13.09
CA ASN A 133 3.59 -10.72 13.26
C ASN A 133 4.40 -11.18 12.04
N ASN A 134 3.97 -12.29 11.44
CA ASN A 134 4.67 -12.86 10.30
C ASN A 134 4.46 -12.13 8.98
N ILE A 135 3.68 -11.07 8.97
CA ILE A 135 3.50 -10.32 7.74
C ILE A 135 4.77 -9.55 7.39
N SER A 136 5.31 -9.89 6.23
CA SER A 136 6.51 -9.28 5.69
C SER A 136 6.12 -8.36 4.55
N ILE A 137 7.01 -7.44 4.18
CA ILE A 137 6.74 -6.50 3.09
C ILE A 137 8.01 -6.28 2.27
N ILE A 138 7.86 -6.34 0.96
CA ILE A 138 8.86 -5.91 0.01
C ILE A 138 8.48 -4.51 -0.43
N ILE A 139 9.31 -3.53 -0.13
CA ILE A 139 9.00 -2.13 -0.43
C ILE A 139 9.92 -1.67 -1.55
N HIS A 140 9.36 -1.15 -2.63
CA HIS A 140 10.15 -0.88 -3.82
C HIS A 140 10.57 0.58 -3.94
N SER A 141 10.26 1.39 -2.93
N SER A 141 10.20 1.38 -2.94
CA SER A 141 10.68 2.78 -2.92
CA SER A 141 10.51 2.81 -2.90
C SER A 141 10.96 3.23 -1.51
C SER A 141 11.08 3.19 -1.53
N GLU A 142 11.43 4.46 -1.37
CA GLU A 142 11.80 4.98 -0.06
C GLU A 142 10.59 5.07 0.86
N PHE A 143 10.83 4.92 2.16
CA PHE A 143 9.73 4.95 3.12
C PHE A 143 10.20 5.47 4.48
N TYR A 144 9.24 5.80 5.31
CA TYR A 144 9.47 6.33 6.65
C TYR A 144 8.77 5.47 7.68
N ILE A 145 9.22 5.56 8.92
CA ILE A 145 8.60 4.82 10.00
C ILE A 145 8.14 5.82 11.05
N ILE A 146 6.88 5.74 11.44
CA ILE A 146 6.26 6.68 12.37
C ILE A 146 5.55 5.89 13.47
N PRO A 147 5.80 6.22 14.76
CA PRO A 147 5.11 5.46 15.81
C PRO A 147 3.60 5.63 15.72
N ARG A 148 2.86 4.61 16.10
CA ARG A 148 1.41 4.72 16.09
C ARG A 148 0.91 5.86 16.97
N SER A 149 1.62 6.16 18.04
CA SER A 149 1.23 7.27 18.92
C SER A 149 1.24 8.61 18.18
N GLN A 150 1.95 8.66 17.05
CA GLN A 150 2.02 9.85 16.24
C GLN A 150 1.26 9.70 14.94
N GLU A 151 0.20 8.88 14.97
CA GLU A 151 -0.60 8.65 13.78
C GLU A 151 -1.14 9.95 13.21
N SER A 152 -1.43 10.94 14.06
CA SER A 152 -1.95 12.21 13.56
C SER A 152 -0.99 12.85 12.55
N LYS A 153 0.31 12.73 12.81
CA LYS A 153 1.31 13.20 11.85
C LYS A 153 1.28 12.37 10.57
N CYS A 154 1.19 11.05 10.71
CA CYS A 154 1.11 10.20 9.53
C CYS A 154 -0.07 10.58 8.66
N ASN A 155 -1.21 10.80 9.31
CA ASN A 155 -2.43 11.21 8.63
C ASN A 155 -2.21 12.52 7.88
N GLU A 156 -1.57 13.48 8.54
CA GLU A 156 -1.25 14.76 7.93
C GLU A 156 -0.37 14.59 6.69
N TYR A 157 0.62 13.71 6.77
CA TYR A 157 1.49 13.49 5.62
C TYR A 157 0.78 12.79 4.47
N ILE A 158 0.00 11.76 4.79
CA ILE A 158 -0.80 11.08 3.77
C ILE A 158 -1.69 12.08 3.03
N ASN A 159 -2.35 12.94 3.80
CA ASN A 159 -3.39 13.78 3.24
C ASN A 159 -2.89 15.09 2.68
N ASN A 160 -1.78 15.60 3.19
CA ASN A 160 -1.28 16.90 2.74
C ASN A 160 0.18 16.91 2.27
N GLY A 161 0.84 15.78 2.36
CA GLY A 161 2.19 15.65 1.82
C GLY A 161 3.29 15.90 2.82
N LEU A 162 4.48 15.42 2.49
CA LEU A 162 5.67 15.67 3.28
C LEU A 162 6.03 17.16 3.24
#